data_9OJW
#
_entry.id   9OJW
#
_cell.length_a   166.583
_cell.length_b   54.674
_cell.length_c   119.269
_cell.angle_alpha   90.00
_cell.angle_beta   129.32
_cell.angle_gamma   90.00
#
_symmetry.space_group_name_H-M   'C 1 2 1'
#
loop_
_entity.id
_entity.type
_entity.pdbx_description
1 polymer "Bis(5'-nucleosyl)-tetraphosphatase [symmetrical]"
2 non-polymer GLYCEROL
3 non-polymer "ADENOSINE-5'-DIPHOSPHATE"
4 non-polymer 'MANGANESE (II) ION'
5 non-polymer '4-(2-HYDROXYETHYL)-1-PIPERAZINE ETHANESULFONIC ACID'
6 water water
#
_entity_poly.entity_id   1
_entity_poly.type   'polypeptide(L)'
_entity_poly.pdbx_seq_one_letter_code
;MATYLIGDVHGCYDELIALLHKVEFTPGKDTLWLTGDLVARGPGSLDVLRYVKSLGDSVRLVLGNHDLHLLAVFAGISRN
KPKDRLTPLLEAPDADELLNWLRRQPLLQIDEEKKLVMAHAGITPQWDLQTAKECARDVEAVLSSDSYPFFLDAMYGDMP
NNWSPELRGLGRLRFITNAFTRMRFCFPNGQLDMYSKESPEEAPAPLKPWFAIPGPVAEEYSIAFGHWASLEGKGTPEGI
YALDTGCCWGGTLTCLRWEDKQYFVQPSNRHKDLGEAAASHHHHHH
;
_entity_poly.pdbx_strand_id   A,B
#
# COMPACT_ATOMS: atom_id res chain seq x y z
N ALA A 2 -10.50 -35.32 -9.04
CA ALA A 2 -10.50 -34.04 -9.76
C ALA A 2 -9.36 -33.13 -9.30
N THR A 3 -9.08 -32.10 -10.10
CA THR A 3 -8.01 -31.14 -9.84
C THR A 3 -8.60 -29.77 -9.59
N TYR A 4 -8.30 -29.18 -8.42
CA TYR A 4 -8.80 -27.87 -8.02
C TYR A 4 -7.63 -26.93 -7.83
N LEU A 5 -7.76 -25.70 -8.33
CA LEU A 5 -6.76 -24.66 -8.19
C LEU A 5 -7.38 -23.49 -7.46
N ILE A 6 -6.73 -23.02 -6.39
CA ILE A 6 -7.26 -21.93 -5.60
C ILE A 6 -6.21 -20.82 -5.51
N GLY A 7 -6.67 -19.58 -5.59
CA GLY A 7 -5.81 -18.42 -5.49
C GLY A 7 -5.46 -18.06 -4.05
N ASP A 8 -4.89 -16.88 -3.90
CA ASP A 8 -4.22 -16.49 -2.66
C ASP A 8 -5.18 -16.56 -1.47
N VAL A 9 -4.82 -17.37 -0.48
CA VAL A 9 -5.70 -17.61 0.67
C VAL A 9 -5.51 -16.54 1.74
N HIS A 10 -4.28 -16.10 1.99
CA HIS A 10 -4.02 -15.01 2.92
C HIS A 10 -4.74 -15.22 4.26
N GLY A 11 -4.57 -16.40 4.85
CA GLY A 11 -5.10 -16.65 6.16
C GLY A 11 -6.60 -16.75 6.24
N CYS A 12 -7.28 -16.80 5.10
CA CYS A 12 -8.74 -16.89 5.10
C CYS A 12 -9.16 -18.36 5.19
N TYR A 13 -8.94 -18.93 6.37
CA TYR A 13 -9.14 -20.35 6.56
C TYR A 13 -10.61 -20.75 6.40
N ASP A 14 -11.52 -19.98 7.02
CA ASP A 14 -12.94 -20.33 6.96
C ASP A 14 -13.45 -20.36 5.51
N GLU A 15 -13.03 -19.38 4.71
CA GLU A 15 -13.44 -19.33 3.30
C GLU A 15 -12.84 -20.48 2.51
N LEU A 16 -11.58 -20.84 2.81
CA LEU A 16 -10.94 -21.95 2.11
C LEU A 16 -11.70 -23.24 2.37
N ILE A 17 -12.04 -23.49 3.62
CA ILE A 17 -12.74 -24.74 3.96
C ILE A 17 -14.14 -24.76 3.38
N ALA A 18 -14.85 -23.63 3.45
CA ALA A 18 -16.18 -23.57 2.84
C ALA A 18 -16.10 -23.83 1.34
N LEU A 19 -15.09 -23.27 0.66
CA LEU A 19 -14.98 -23.49 -0.78
C LEU A 19 -14.69 -24.96 -1.08
N LEU A 20 -13.79 -25.57 -0.30
CA LEU A 20 -13.46 -26.98 -0.51
C LEU A 20 -14.65 -27.90 -0.22
N HIS A 21 -15.47 -27.55 0.78
CA HIS A 21 -16.67 -28.34 1.07
C HIS A 21 -17.69 -28.20 -0.06
N LYS A 22 -17.75 -27.03 -0.68
CA LYS A 22 -18.67 -26.83 -1.80
C LYS A 22 -18.34 -27.79 -2.96
N VAL A 23 -17.06 -28.03 -3.22
CA VAL A 23 -16.71 -28.99 -4.27
C VAL A 23 -16.52 -30.41 -3.72
N GLU A 24 -16.71 -30.61 -2.41
CA GLU A 24 -16.52 -31.91 -1.79
C GLU A 24 -15.12 -32.45 -2.07
N PHE A 25 -14.12 -31.59 -1.87
CA PHE A 25 -12.73 -31.96 -2.07
C PHE A 25 -12.38 -33.15 -1.22
N THR A 26 -11.86 -34.20 -1.85
CA THR A 26 -11.59 -35.47 -1.15
C THR A 26 -10.13 -35.87 -1.39
N PRO A 27 -9.24 -35.60 -0.44
CA PRO A 27 -7.85 -36.04 -0.59
C PRO A 27 -7.82 -37.51 -0.95
N GLY A 28 -6.85 -37.88 -1.79
CA GLY A 28 -6.72 -39.22 -2.29
C GLY A 28 -7.43 -39.43 -3.60
N LYS A 29 -8.52 -38.73 -3.80
CA LYS A 29 -9.27 -38.75 -5.05
C LYS A 29 -9.06 -37.45 -5.83
N ASP A 30 -8.89 -36.34 -5.13
CA ASP A 30 -8.69 -35.01 -5.69
C ASP A 30 -7.32 -34.46 -5.31
N THR A 31 -6.87 -33.49 -6.09
CA THR A 31 -5.61 -32.80 -5.84
C THR A 31 -5.88 -31.29 -5.86
N LEU A 32 -5.29 -30.58 -4.91
CA LEU A 32 -5.48 -29.14 -4.79
C LEU A 32 -4.18 -28.44 -5.19
N TRP A 33 -4.28 -27.47 -6.08
CA TRP A 33 -3.16 -26.57 -6.36
C TRP A 33 -3.42 -25.22 -5.70
N LEU A 34 -2.39 -24.66 -5.07
CA LEU A 34 -2.51 -23.36 -4.40
C LEU A 34 -1.45 -22.41 -4.94
N THR A 35 -1.87 -21.18 -5.27
CA THR A 35 -0.98 -20.21 -5.90
C THR A 35 -0.04 -19.50 -4.91
N GLY A 36 -0.06 -19.86 -3.63
CA GLY A 36 0.84 -19.22 -2.67
C GLY A 36 0.19 -18.05 -1.96
N ASP A 37 0.99 -17.40 -1.12
CA ASP A 37 0.48 -16.39 -0.19
C ASP A 37 -0.63 -17.00 0.66
N LEU A 38 -0.29 -18.13 1.28
CA LEU A 38 -1.19 -18.79 2.22
C LEU A 38 -1.43 -17.98 3.48
N VAL A 39 -0.54 -17.05 3.81
CA VAL A 39 -0.51 -16.46 5.14
C VAL A 39 -0.63 -14.95 4.99
N ALA A 40 -0.93 -14.30 6.12
CA ALA A 40 -0.92 -12.84 6.29
C ALA A 40 -2.21 -12.17 5.88
N ARG A 41 -2.58 -11.12 6.64
CA ARG A 41 -3.74 -10.24 6.45
C ARG A 41 -5.01 -10.86 7.00
N GLY A 42 -5.43 -12.00 6.47
CA GLY A 42 -6.54 -12.72 7.04
C GLY A 42 -6.21 -13.24 8.43
N PRO A 43 -7.22 -13.70 9.17
CA PRO A 43 -6.99 -14.05 10.59
C PRO A 43 -6.40 -15.43 10.83
N GLY A 44 -6.42 -16.34 9.85
CA GLY A 44 -6.14 -17.74 10.15
C GLY A 44 -4.92 -18.36 9.51
N SER A 45 -3.81 -17.61 9.45
CA SER A 45 -2.59 -18.14 8.85
C SER A 45 -2.18 -19.45 9.51
N LEU A 46 -2.27 -19.53 10.84
CA LEU A 46 -1.84 -20.74 11.54
C LEU A 46 -2.63 -21.96 11.10
N ASP A 47 -3.95 -21.82 11.04
CA ASP A 47 -4.80 -22.93 10.64
C ASP A 47 -4.55 -23.29 9.18
N VAL A 48 -4.38 -22.29 8.31
CA VAL A 48 -4.13 -22.57 6.90
C VAL A 48 -2.86 -23.39 6.74
N LEU A 49 -1.76 -22.96 7.38
CA LEU A 49 -0.54 -23.76 7.24
C LEU A 49 -0.72 -25.16 7.78
N ARG A 50 -1.33 -25.30 8.97
CA ARG A 50 -1.53 -26.65 9.49
C ARG A 50 -2.27 -27.52 8.48
N TYR A 51 -3.37 -27.01 7.93
CA TYR A 51 -4.19 -27.81 7.03
C TYR A 51 -3.43 -28.17 5.76
N VAL A 52 -2.82 -27.18 5.11
CA VAL A 52 -2.16 -27.44 3.83
C VAL A 52 -1.00 -28.41 4.02
N LYS A 53 -0.20 -28.24 5.09
CA LYS A 53 0.86 -29.20 5.36
C LYS A 53 0.27 -30.60 5.50
N SER A 54 -0.85 -30.74 6.24
CA SER A 54 -1.44 -32.05 6.44
C SER A 54 -1.87 -32.70 5.14
N LEU A 55 -2.09 -31.93 4.07
CA LEU A 55 -2.54 -32.56 2.82
C LEU A 55 -1.46 -33.41 2.12
N GLY A 56 -0.20 -33.23 2.46
CA GLY A 56 0.82 -34.07 1.82
C GLY A 56 0.75 -34.01 0.31
N ASP A 57 0.78 -35.19 -0.32
CA ASP A 57 0.81 -35.29 -1.78
C ASP A 57 -0.48 -34.85 -2.45
N SER A 58 -1.55 -34.62 -1.70
CA SER A 58 -2.79 -34.12 -2.31
C SER A 58 -2.79 -32.62 -2.48
N VAL A 59 -1.68 -31.92 -2.25
CA VAL A 59 -1.61 -30.49 -2.53
C VAL A 59 -0.29 -30.22 -3.24
N ARG A 60 -0.35 -29.31 -4.21
CA ARG A 60 0.79 -28.77 -4.95
C ARG A 60 0.79 -27.26 -4.74
N LEU A 61 1.77 -26.79 -3.99
CA LEU A 61 1.86 -25.40 -3.57
C LEU A 61 3.01 -24.73 -4.32
N VAL A 62 2.89 -23.42 -4.56
CA VAL A 62 4.03 -22.58 -4.90
C VAL A 62 4.11 -21.44 -3.87
N LEU A 63 5.32 -21.06 -3.48
CA LEU A 63 5.51 -19.98 -2.52
C LEU A 63 5.29 -18.61 -3.16
N GLY A 64 4.69 -17.70 -2.39
CA GLY A 64 4.51 -16.33 -2.78
C GLY A 64 5.35 -15.37 -1.94
N ASN A 65 5.17 -14.07 -2.20
CA ASN A 65 6.03 -13.07 -1.57
C ASN A 65 5.71 -12.96 -0.08
N HIS A 66 4.46 -13.21 0.30
CA HIS A 66 4.12 -13.09 1.72
C HIS A 66 4.55 -14.33 2.49
N ASP A 67 4.57 -15.49 1.83
CA ASP A 67 5.16 -16.68 2.45
C ASP A 67 6.64 -16.44 2.74
N LEU A 68 7.37 -15.89 1.76
CA LEU A 68 8.79 -15.62 1.97
C LEU A 68 9.00 -14.54 3.05
N HIS A 69 8.15 -13.51 3.08
CA HIS A 69 8.27 -12.51 4.15
C HIS A 69 8.05 -13.15 5.53
N LEU A 70 7.07 -14.05 5.64
CA LEU A 70 6.88 -14.77 6.90
C LEU A 70 8.15 -15.50 7.30
N LEU A 71 8.78 -16.20 6.35
CA LEU A 71 10.01 -16.91 6.68
C LEU A 71 11.09 -15.94 7.15
N ALA A 72 11.13 -14.75 6.53
CA ALA A 72 12.12 -13.74 6.91
C ALA A 72 11.88 -13.24 8.33
N VAL A 73 10.61 -13.05 8.70
CA VAL A 73 10.28 -12.64 10.06
C VAL A 73 10.68 -13.73 11.04
N PHE A 74 10.33 -14.97 10.73
CA PHE A 74 10.62 -16.08 11.62
C PHE A 74 12.13 -16.19 11.87
N ALA A 75 12.95 -15.96 10.85
CA ALA A 75 14.41 -16.04 10.97
C ALA A 75 15.04 -14.77 11.54
N GLY A 76 14.26 -13.77 11.92
CA GLY A 76 14.83 -12.56 12.48
C GLY A 76 15.45 -11.62 11.46
N ILE A 77 15.19 -11.83 10.17
CA ILE A 77 15.71 -10.99 9.10
C ILE A 77 14.85 -9.75 8.88
N SER A 78 13.54 -9.84 9.08
CA SER A 78 12.61 -8.74 8.84
C SER A 78 11.70 -8.57 10.05
N ARG A 79 11.16 -7.36 10.18
CA ARG A 79 10.33 -6.99 11.31
C ARG A 79 8.88 -7.38 11.04
N ASN A 80 8.21 -7.85 12.08
CA ASN A 80 6.79 -8.20 11.97
C ASN A 80 5.91 -6.96 11.90
N LYS A 81 5.00 -6.93 10.94
CA LYS A 81 4.00 -5.87 10.87
C LYS A 81 2.73 -6.34 11.54
N PRO A 82 2.19 -5.58 12.48
CA PRO A 82 0.91 -6.00 13.10
C PRO A 82 -0.18 -6.35 12.09
N LYS A 83 -0.30 -5.60 10.99
CA LYS A 83 -1.39 -5.85 10.06
C LYS A 83 -1.30 -7.22 9.37
N ASP A 84 -0.15 -7.86 9.37
CA ASP A 84 -0.04 -9.20 8.82
C ASP A 84 -0.70 -10.26 9.70
N ARG A 85 -0.90 -9.97 10.99
CA ARG A 85 -1.60 -10.88 11.90
C ARG A 85 -0.94 -12.26 11.96
N LEU A 86 0.39 -12.25 12.03
CA LEU A 86 1.17 -13.48 12.05
C LEU A 86 1.55 -13.96 13.45
N THR A 87 1.21 -13.21 14.50
CA THR A 87 1.74 -13.57 15.81
C THR A 87 1.26 -14.94 16.28
N PRO A 88 -0.02 -15.30 16.16
CA PRO A 88 -0.42 -16.66 16.59
C PRO A 88 0.38 -17.74 15.90
N LEU A 89 0.65 -17.60 14.60
CA LEU A 89 1.46 -18.58 13.90
C LEU A 89 2.89 -18.58 14.42
N LEU A 90 3.50 -17.40 14.57
CA LEU A 90 4.88 -17.31 15.04
C LEU A 90 5.04 -17.86 16.45
N GLU A 91 4.03 -17.71 17.30
CA GLU A 91 4.11 -18.16 18.69
C GLU A 91 3.60 -19.58 18.90
N ALA A 92 3.19 -20.29 17.84
CA ALA A 92 2.61 -21.60 18.02
C ALA A 92 3.69 -22.60 18.42
N PRO A 93 3.33 -23.61 19.22
CA PRO A 93 4.32 -24.64 19.56
C PRO A 93 4.88 -25.41 18.37
N ASP A 94 4.13 -25.52 17.26
CA ASP A 94 4.63 -26.18 16.06
C ASP A 94 5.14 -25.19 15.00
N ALA A 95 5.46 -23.95 15.40
CA ALA A 95 5.93 -22.97 14.43
C ALA A 95 7.13 -23.49 13.66
N ASP A 96 8.11 -24.07 14.36
CA ASP A 96 9.30 -24.56 13.67
C ASP A 96 8.96 -25.61 12.64
N GLU A 97 8.16 -26.60 13.04
CA GLU A 97 7.77 -27.66 12.12
C GLU A 97 7.05 -27.08 10.90
N LEU A 98 6.14 -26.13 11.11
CA LEU A 98 5.38 -25.57 10.00
C LEU A 98 6.28 -24.77 9.07
N LEU A 99 7.14 -23.92 9.61
CA LEU A 99 7.92 -23.05 8.73
C LEU A 99 9.06 -23.81 8.06
N ASN A 100 9.63 -24.80 8.74
CA ASN A 100 10.61 -25.65 8.08
C ASN A 100 9.99 -26.46 6.96
N TRP A 101 8.71 -26.85 7.09
CA TRP A 101 8.03 -27.45 5.94
C TRP A 101 7.80 -26.40 4.84
N LEU A 102 7.36 -25.19 5.22
CA LEU A 102 7.02 -24.18 4.23
C LEU A 102 8.21 -23.82 3.34
N ARG A 103 9.38 -23.63 3.94
CA ARG A 103 10.52 -23.19 3.14
C ARG A 103 11.02 -24.29 2.19
N ARG A 104 10.57 -25.53 2.32
CA ARG A 104 10.96 -26.59 1.40
CA ARG A 104 10.93 -26.62 1.42
C ARG A 104 10.01 -26.73 0.21
N GLN A 105 8.98 -25.86 0.08
CA GLN A 105 8.03 -26.03 -1.02
C GLN A 105 8.51 -25.36 -2.30
N PRO A 106 8.01 -25.78 -3.46
CA PRO A 106 8.53 -25.23 -4.72
C PRO A 106 8.10 -23.79 -4.97
N LEU A 107 8.82 -23.16 -5.90
CA LEU A 107 8.42 -21.90 -6.50
C LEU A 107 7.62 -22.11 -7.77
N LEU A 108 7.59 -23.33 -8.29
CA LEU A 108 7.09 -23.64 -9.62
C LEU A 108 6.52 -25.05 -9.64
N GLN A 109 5.33 -25.22 -10.22
CA GLN A 109 4.71 -26.54 -10.38
C GLN A 109 4.43 -26.76 -11.85
N ILE A 110 4.77 -27.95 -12.37
CA ILE A 110 4.56 -28.29 -13.77
C ILE A 110 3.88 -29.66 -13.86
N ASP A 111 2.82 -29.74 -14.65
CA ASP A 111 2.14 -31.00 -14.93
C ASP A 111 2.07 -31.17 -16.44
N GLU A 112 2.84 -32.12 -16.97
CA GLU A 112 2.95 -32.27 -18.41
C GLU A 112 1.67 -32.86 -19.01
N GLU A 113 1.03 -33.77 -18.30
CA GLU A 113 -0.19 -34.36 -18.85
C GLU A 113 -1.32 -33.34 -18.96
N LYS A 114 -1.36 -32.35 -18.06
CA LYS A 114 -2.34 -31.29 -18.16
C LYS A 114 -1.84 -30.11 -18.97
N LYS A 115 -0.57 -30.13 -19.37
CA LYS A 115 0.11 -28.97 -19.96
C LYS A 115 -0.18 -27.73 -19.13
N LEU A 116 0.13 -27.82 -17.83
CA LEU A 116 -0.24 -26.79 -16.87
C LEU A 116 0.97 -26.38 -16.03
N VAL A 117 1.20 -25.08 -15.91
CA VAL A 117 2.28 -24.50 -15.13
C VAL A 117 1.69 -23.53 -14.11
N MET A 118 2.19 -23.60 -12.87
CA MET A 118 1.78 -22.70 -11.79
C MET A 118 3.01 -22.03 -11.18
N ALA A 119 2.92 -20.73 -10.98
CA ALA A 119 3.86 -19.97 -10.15
C ALA A 119 3.05 -18.86 -9.50
N HIS A 120 3.61 -18.24 -8.46
CA HIS A 120 2.83 -17.26 -7.70
C HIS A 120 2.43 -16.06 -8.58
N ALA A 121 3.40 -15.48 -9.28
CA ALA A 121 3.11 -14.29 -10.09
C ALA A 121 2.97 -14.60 -11.57
N GLY A 122 3.38 -15.78 -12.02
CA GLY A 122 3.34 -16.12 -13.43
C GLY A 122 4.71 -16.48 -13.96
N ILE A 123 4.87 -16.49 -15.28
CA ILE A 123 6.14 -16.84 -15.91
C ILE A 123 6.54 -15.66 -16.78
N THR A 124 7.67 -15.04 -16.43
CA THR A 124 8.11 -13.92 -17.25
C THR A 124 8.30 -14.37 -18.68
N PRO A 125 7.89 -13.56 -19.66
CA PRO A 125 8.11 -13.93 -21.06
C PRO A 125 9.57 -14.05 -21.44
N GLN A 126 10.51 -13.59 -20.63
CA GLN A 126 11.92 -13.74 -20.96
C GLN A 126 12.44 -15.14 -20.67
N TRP A 127 11.61 -16.00 -20.09
CA TRP A 127 12.01 -17.34 -19.74
C TRP A 127 11.38 -18.37 -20.65
N ASP A 128 12.17 -19.34 -21.07
CA ASP A 128 11.62 -20.58 -21.58
C ASP A 128 11.48 -21.57 -20.42
N LEU A 129 10.89 -22.73 -20.71
CA LEU A 129 10.53 -23.64 -19.63
C LEU A 129 11.78 -24.14 -18.91
N GLN A 130 12.81 -24.52 -19.68
CA GLN A 130 13.99 -25.07 -19.03
C GLN A 130 14.64 -24.04 -18.11
N THR A 131 14.68 -22.78 -18.54
CA THR A 131 15.23 -21.74 -17.68
C THR A 131 14.39 -21.54 -16.43
N ALA A 132 13.07 -21.52 -16.59
CA ALA A 132 12.23 -21.37 -15.41
C ALA A 132 12.48 -22.50 -14.42
N LYS A 133 12.62 -23.73 -14.90
CA LYS A 133 12.89 -24.87 -14.01
C LYS A 133 14.20 -24.71 -13.28
N GLU A 134 15.27 -24.35 -14.01
CA GLU A 134 16.56 -24.18 -13.35
C GLU A 134 16.52 -23.08 -12.31
N CYS A 135 15.91 -21.95 -12.63
CA CYS A 135 15.85 -20.86 -11.66
C CYS A 135 15.06 -21.27 -10.42
N ALA A 136 13.92 -21.92 -10.62
CA ALA A 136 13.16 -22.42 -9.48
C ALA A 136 14.03 -23.32 -8.62
N ARG A 137 14.76 -24.24 -9.27
CA ARG A 137 15.61 -25.17 -8.51
C ARG A 137 16.68 -24.43 -7.72
N ASP A 138 17.25 -23.39 -8.32
CA ASP A 138 18.32 -22.64 -7.64
C ASP A 138 17.79 -21.98 -6.35
N VAL A 139 16.67 -21.28 -6.47
CA VAL A 139 16.14 -20.60 -5.28
C VAL A 139 15.64 -21.62 -4.26
N GLU A 140 14.99 -22.69 -4.72
CA GLU A 140 14.51 -23.71 -3.80
C GLU A 140 15.67 -24.33 -3.04
N ALA A 141 16.81 -24.52 -3.72
CA ALA A 141 17.97 -25.04 -3.02
C ALA A 141 18.40 -24.09 -1.90
N VAL A 142 18.41 -22.80 -2.17
CA VAL A 142 18.81 -21.89 -1.08
C VAL A 142 17.80 -21.92 0.06
N LEU A 143 16.51 -21.95 -0.27
CA LEU A 143 15.50 -21.89 0.77
C LEU A 143 15.47 -23.13 1.64
N SER A 144 15.77 -24.29 1.07
CA SER A 144 15.76 -25.55 1.81
CA SER A 144 15.73 -25.51 1.86
C SER A 144 17.04 -25.78 2.60
N SER A 145 18.02 -24.90 2.48
CA SER A 145 19.32 -25.09 3.11
C SER A 145 19.37 -24.51 4.53
N ASP A 146 20.36 -24.96 5.30
CA ASP A 146 20.54 -24.40 6.63
C ASP A 146 20.86 -22.91 6.60
N SER A 147 21.29 -22.38 5.46
CA SER A 147 21.67 -20.99 5.35
C SER A 147 20.58 -20.10 4.76
N TYR A 148 19.32 -20.53 4.78
CA TYR A 148 18.27 -19.75 4.14
C TYR A 148 18.10 -18.33 4.70
N PRO A 149 18.41 -18.03 5.97
CA PRO A 149 18.26 -16.63 6.41
C PRO A 149 19.13 -15.66 5.62
N PHE A 150 20.33 -16.10 5.21
CA PHE A 150 21.19 -15.23 4.42
C PHE A 150 20.57 -14.95 3.07
N PHE A 151 20.03 -15.99 2.42
CA PHE A 151 19.29 -15.76 1.19
C PHE A 151 18.14 -14.80 1.40
N LEU A 152 17.30 -15.05 2.41
CA LEU A 152 16.15 -14.18 2.60
C LEU A 152 16.60 -12.74 2.73
N ASP A 153 17.67 -12.51 3.48
CA ASP A 153 18.15 -11.14 3.64
C ASP A 153 18.61 -10.59 2.29
N ALA A 154 19.24 -11.42 1.47
CA ALA A 154 19.70 -10.94 0.16
C ALA A 154 18.56 -10.70 -0.82
N MET A 155 17.41 -11.36 -0.65
CA MET A 155 16.39 -11.36 -1.70
C MET A 155 15.82 -9.95 -1.91
N TYR A 156 15.70 -9.16 -0.83
CA TYR A 156 15.08 -7.84 -0.94
C TYR A 156 15.86 -6.97 -1.92
N GLY A 157 15.13 -6.27 -2.79
CA GLY A 157 15.72 -5.41 -3.80
C GLY A 157 14.92 -5.47 -5.09
N ASP A 158 15.03 -4.41 -5.88
CA ASP A 158 14.22 -4.28 -7.08
C ASP A 158 15.02 -4.42 -8.37
N MET A 159 16.32 -4.66 -8.31
CA MET A 159 17.17 -4.80 -9.47
C MET A 159 18.02 -6.05 -9.34
N PRO A 160 18.48 -6.63 -10.45
CA PRO A 160 18.23 -6.22 -11.83
C PRO A 160 16.81 -6.60 -12.22
N ASN A 161 16.27 -6.00 -13.27
CA ASN A 161 14.91 -6.30 -13.72
C ASN A 161 14.89 -6.88 -15.12
N ASN A 162 16.03 -7.31 -15.64
CA ASN A 162 16.11 -7.85 -16.98
C ASN A 162 16.90 -9.13 -16.95
N TRP A 163 16.35 -10.22 -17.49
CA TRP A 163 17.00 -11.51 -17.40
C TRP A 163 18.15 -11.64 -18.39
N SER A 164 19.23 -12.31 -17.94
CA SER A 164 20.32 -12.76 -18.78
C SER A 164 20.89 -14.06 -18.22
N PRO A 165 21.19 -15.05 -19.07
CA PRO A 165 21.90 -16.24 -18.58
C PRO A 165 23.25 -15.91 -17.96
N GLU A 166 23.73 -14.69 -18.14
CA GLU A 166 25.01 -14.27 -17.58
C GLU A 166 24.90 -13.76 -16.15
N LEU A 167 23.70 -13.46 -15.69
CA LEU A 167 23.53 -12.98 -14.32
C LEU A 167 24.14 -13.98 -13.34
N ARG A 168 24.78 -13.46 -12.30
CA ARG A 168 25.40 -14.29 -11.28
C ARG A 168 25.06 -13.74 -9.89
N GLY A 169 25.14 -14.62 -8.89
CA GLY A 169 25.14 -14.14 -7.52
C GLY A 169 23.84 -13.47 -7.09
N LEU A 170 23.99 -12.44 -6.26
CA LEU A 170 22.83 -11.80 -5.65
C LEU A 170 21.84 -11.32 -6.71
N GLY A 171 22.34 -10.72 -7.80
CA GLY A 171 21.45 -10.22 -8.83
C GLY A 171 20.61 -11.32 -9.44
N ARG A 172 21.24 -12.46 -9.75
CA ARG A 172 20.52 -13.60 -10.30
C ARG A 172 19.41 -14.06 -9.35
N LEU A 173 19.74 -14.27 -8.06
CA LEU A 173 18.70 -14.74 -7.15
C LEU A 173 17.58 -13.73 -7.00
N ARG A 174 17.92 -12.43 -6.91
CA ARG A 174 16.90 -11.41 -6.74
C ARG A 174 15.98 -11.36 -7.94
N PHE A 175 16.55 -11.43 -9.15
CA PHE A 175 15.68 -11.43 -10.30
C PHE A 175 14.76 -12.64 -10.28
N ILE A 176 15.32 -13.83 -10.01
CA ILE A 176 14.47 -15.03 -9.99
C ILE A 176 13.30 -14.83 -9.03
N THR A 177 13.60 -14.33 -7.82
CA THR A 177 12.58 -14.14 -6.81
C THR A 177 11.53 -13.12 -7.24
N ASN A 178 11.97 -12.00 -7.80
CA ASN A 178 11.00 -11.00 -8.24
C ASN A 178 10.14 -11.54 -9.37
N ALA A 179 10.74 -12.30 -10.28
CA ALA A 179 9.97 -12.81 -11.41
C ALA A 179 8.90 -13.78 -10.93
N PHE A 180 9.24 -14.68 -9.99
CA PHE A 180 8.30 -15.69 -9.55
C PHE A 180 7.25 -15.14 -8.60
N THR A 181 7.61 -14.17 -7.73
CA THR A 181 6.72 -13.82 -6.63
C THR A 181 6.20 -12.38 -6.63
N ARG A 182 6.73 -11.49 -7.46
CA ARG A 182 6.29 -10.09 -7.43
C ARG A 182 5.86 -9.53 -8.80
N MET A 183 6.13 -10.22 -9.89
CA MET A 183 5.95 -9.63 -11.22
C MET A 183 4.47 -9.32 -11.49
N ARG A 184 4.21 -8.16 -12.09
CA ARG A 184 2.93 -7.85 -12.71
C ARG A 184 3.13 -7.34 -14.13
N PHE A 185 3.65 -6.12 -14.26
CA PHE A 185 3.83 -5.43 -15.53
C PHE A 185 5.24 -5.60 -16.09
N CYS A 186 5.33 -5.62 -17.42
CA CYS A 186 6.60 -5.65 -18.14
C CYS A 186 6.71 -4.43 -19.05
N PHE A 187 7.95 -4.04 -19.31
CA PHE A 187 8.22 -3.17 -20.43
C PHE A 187 8.16 -3.98 -21.73
N PRO A 188 8.03 -3.30 -22.87
CA PRO A 188 7.86 -4.04 -24.14
C PRO A 188 8.91 -5.09 -24.42
N ASN A 189 10.13 -4.91 -23.94
CA ASN A 189 11.16 -5.92 -24.14
C ASN A 189 11.07 -7.07 -23.14
N GLY A 190 10.11 -7.05 -22.21
CA GLY A 190 10.01 -8.09 -21.20
C GLY A 190 10.56 -7.69 -19.84
N GLN A 191 11.21 -6.54 -19.73
CA GLN A 191 11.80 -6.10 -18.47
C GLN A 191 10.72 -5.89 -17.41
N LEU A 192 11.04 -6.24 -16.16
CA LEU A 192 10.08 -6.13 -15.06
C LEU A 192 9.97 -4.70 -14.54
N ASP A 193 8.73 -4.29 -14.26
CA ASP A 193 8.45 -3.10 -13.45
C ASP A 193 8.03 -3.55 -12.05
N MET A 194 8.62 -2.95 -11.01
CA MET A 194 8.41 -3.38 -9.63
CA MET A 194 8.41 -3.38 -9.64
C MET A 194 7.57 -2.42 -8.82
N TYR A 195 6.92 -1.43 -9.43
CA TYR A 195 6.18 -0.42 -8.68
C TYR A 195 4.68 -0.42 -8.93
N SER A 196 4.23 -0.62 -10.16
CA SER A 196 2.80 -0.56 -10.44
C SER A 196 2.10 -1.83 -9.97
N LYS A 197 1.06 -1.66 -9.17
CA LYS A 197 0.27 -2.77 -8.65
C LYS A 197 -1.20 -2.63 -9.04
N GLU A 198 -1.51 -1.74 -9.97
CA GLU A 198 -2.88 -1.43 -10.34
C GLU A 198 -3.35 -2.32 -11.49
N SER A 199 -4.63 -2.21 -11.83
CA SER A 199 -5.20 -3.00 -12.92
C SER A 199 -4.61 -2.56 -14.26
N PRO A 200 -4.58 -3.46 -15.24
CA PRO A 200 -4.08 -3.10 -16.58
C PRO A 200 -4.71 -1.84 -17.15
N GLU A 201 -6.02 -1.64 -16.96
CA GLU A 201 -6.69 -0.47 -17.52
C GLU A 201 -6.22 0.83 -16.86
N GLU A 202 -5.77 0.78 -15.61
CA GLU A 202 -5.37 1.96 -14.88
C GLU A 202 -3.86 2.18 -14.92
N ALA A 203 -3.15 1.40 -15.70
CA ALA A 203 -1.69 1.50 -15.70
C ALA A 203 -1.20 2.54 -16.69
N PRO A 204 -0.04 3.15 -16.45
CA PRO A 204 0.55 4.06 -17.43
C PRO A 204 1.27 3.29 -18.53
N ALA A 205 1.21 3.84 -19.75
CA ALA A 205 1.97 3.27 -20.87
C ALA A 205 3.46 3.51 -20.66
N PRO A 206 4.32 2.70 -21.29
CA PRO A 206 4.04 1.55 -22.18
C PRO A 206 3.99 0.23 -21.44
N LEU A 207 3.55 0.22 -20.18
CA LEU A 207 3.52 -1.02 -19.42
C LEU A 207 2.43 -1.95 -19.95
N LYS A 208 2.74 -3.23 -20.03
CA LYS A 208 1.74 -4.23 -20.36
C LYS A 208 1.83 -5.39 -19.37
N PRO A 209 0.72 -6.07 -19.12
CA PRO A 209 0.78 -7.28 -18.30
C PRO A 209 1.80 -8.25 -18.86
N TRP A 210 2.52 -8.94 -17.96
CA TRP A 210 3.49 -9.94 -18.40
C TRP A 210 2.85 -10.93 -19.35
N PHE A 211 1.59 -11.29 -19.11
CA PHE A 211 0.94 -12.29 -19.95
C PHE A 211 0.48 -11.72 -21.30
N ALA A 212 0.53 -10.40 -21.49
CA ALA A 212 0.21 -9.78 -22.78
C ALA A 212 1.39 -9.75 -23.72
N ILE A 213 2.55 -10.22 -23.29
CA ILE A 213 3.74 -10.33 -24.13
C ILE A 213 3.92 -11.81 -24.46
N PRO A 214 3.92 -12.20 -25.73
CA PRO A 214 4.07 -13.62 -26.04
C PRO A 214 5.39 -14.13 -25.50
N GLY A 215 5.33 -15.24 -24.76
CA GLY A 215 6.51 -15.89 -24.30
C GLY A 215 6.45 -17.37 -24.62
N PRO A 216 7.60 -18.01 -24.67
CA PRO A 216 7.63 -19.42 -25.08
C PRO A 216 6.90 -20.37 -24.14
N VAL A 217 6.91 -20.13 -22.82
CA VAL A 217 6.17 -21.01 -21.93
C VAL A 217 4.67 -20.89 -22.19
N ALA A 218 4.16 -19.65 -22.25
CA ALA A 218 2.74 -19.43 -22.45
C ALA A 218 2.26 -19.92 -23.79
N GLU A 219 3.16 -20.12 -24.77
CA GLU A 219 2.72 -20.64 -26.05
C GLU A 219 2.48 -22.14 -26.02
N GLU A 220 3.15 -22.85 -25.11
CA GLU A 220 2.97 -24.30 -25.06
C GLU A 220 2.11 -24.75 -23.90
N TYR A 221 2.00 -23.96 -22.84
CA TYR A 221 1.38 -24.41 -21.60
C TYR A 221 0.36 -23.38 -21.15
N SER A 222 -0.69 -23.85 -20.50
CA SER A 222 -1.51 -22.97 -19.71
C SER A 222 -0.73 -22.54 -18.47
N ILE A 223 -1.01 -21.34 -17.99
CA ILE A 223 -0.38 -20.82 -16.78
C ILE A 223 -1.44 -20.36 -15.80
N ALA A 224 -1.36 -20.86 -14.57
CA ALA A 224 -2.21 -20.38 -13.48
C ALA A 224 -1.35 -19.63 -12.49
N PHE A 225 -1.89 -18.57 -11.89
CA PHE A 225 -1.11 -17.75 -10.97
C PHE A 225 -2.05 -17.02 -10.04
N GLY A 226 -1.48 -16.42 -8.99
CA GLY A 226 -2.27 -15.59 -8.09
C GLY A 226 -1.75 -14.16 -8.04
N HIS A 227 -1.45 -13.67 -6.83
CA HIS A 227 -0.65 -12.46 -6.58
C HIS A 227 -1.32 -11.12 -6.93
N TRP A 228 -1.85 -11.02 -8.14
CA TRP A 228 -2.20 -9.73 -8.72
C TRP A 228 -3.68 -9.47 -8.48
N ALA A 229 -3.99 -9.03 -7.26
CA ALA A 229 -5.39 -8.91 -6.84
C ALA A 229 -6.13 -7.81 -7.60
N SER A 230 -5.45 -6.72 -7.94
CA SER A 230 -6.15 -5.64 -8.64
C SER A 230 -6.57 -6.06 -10.04
N LEU A 231 -6.03 -7.15 -10.56
CA LEU A 231 -6.53 -7.76 -11.80
C LEU A 231 -7.93 -8.32 -11.62
N GLU A 232 -8.29 -8.72 -10.40
CA GLU A 232 -9.60 -9.26 -10.11
C GLU A 232 -9.93 -10.50 -10.94
N GLY A 233 -8.91 -11.25 -11.34
CA GLY A 233 -9.10 -12.46 -12.12
C GLY A 233 -9.64 -12.28 -13.52
N LYS A 234 -9.61 -11.07 -14.07
CA LYS A 234 -10.27 -10.76 -15.32
C LYS A 234 -9.27 -10.27 -16.36
N GLY A 235 -9.66 -10.32 -17.62
CA GLY A 235 -8.89 -9.68 -18.66
C GLY A 235 -7.67 -10.43 -19.14
N THR A 236 -7.64 -11.74 -18.96
CA THR A 236 -6.50 -12.54 -19.37
C THR A 236 -6.79 -13.24 -20.69
N PRO A 237 -5.74 -13.58 -21.45
CA PRO A 237 -5.93 -14.34 -22.68
C PRO A 237 -6.31 -15.80 -22.38
N GLU A 238 -6.70 -16.51 -23.43
CA GLU A 238 -6.94 -17.95 -23.27
C GLU A 238 -5.68 -18.64 -22.81
N GLY A 239 -5.84 -19.62 -21.93
CA GLY A 239 -4.67 -20.32 -21.43
C GLY A 239 -3.97 -19.66 -20.27
N ILE A 240 -4.46 -18.50 -19.82
CA ILE A 240 -3.92 -17.75 -18.69
C ILE A 240 -5.01 -17.65 -17.64
N TYR A 241 -4.75 -18.13 -16.42
CA TYR A 241 -5.77 -18.19 -15.37
C TYR A 241 -5.27 -17.41 -14.16
N ALA A 242 -5.87 -16.25 -13.92
CA ALA A 242 -5.55 -15.41 -12.78
C ALA A 242 -6.52 -15.74 -11.66
N LEU A 243 -6.04 -16.40 -10.61
CA LEU A 243 -6.92 -16.93 -9.57
C LEU A 243 -7.07 -16.04 -8.35
N ASP A 244 -6.34 -14.93 -8.26
CA ASP A 244 -6.40 -14.09 -7.06
C ASP A 244 -7.51 -13.04 -7.20
N THR A 245 -8.63 -13.27 -6.52
CA THR A 245 -9.75 -12.33 -6.52
C THR A 245 -9.92 -11.64 -5.16
N GLY A 246 -8.87 -11.57 -4.37
CA GLY A 246 -8.84 -10.67 -3.23
C GLY A 246 -9.65 -11.04 -2.02
N CYS A 247 -9.69 -12.32 -1.65
CA CYS A 247 -10.48 -12.73 -0.51
C CYS A 247 -10.13 -11.91 0.73
N CYS A 248 -8.84 -11.81 1.07
CA CYS A 248 -8.50 -11.11 2.30
C CYS A 248 -8.87 -9.62 2.24
N TRP A 249 -9.10 -9.07 1.05
CA TRP A 249 -9.50 -7.66 0.93
C TRP A 249 -11.00 -7.48 0.92
N GLY A 250 -11.77 -8.52 1.23
CA GLY A 250 -13.21 -8.43 1.10
C GLY A 250 -13.75 -8.72 -0.28
N GLY A 251 -12.93 -9.30 -1.16
CA GLY A 251 -13.41 -9.78 -2.44
C GLY A 251 -13.89 -11.21 -2.30
N THR A 252 -13.34 -12.13 -3.10
CA THR A 252 -13.80 -13.52 -3.08
C THR A 252 -12.60 -14.45 -3.16
N LEU A 253 -12.78 -15.68 -2.66
CA LEU A 253 -11.85 -16.76 -2.93
C LEU A 253 -12.35 -17.60 -4.10
N THR A 254 -11.50 -17.81 -5.09
CA THR A 254 -11.90 -18.48 -6.33
C THR A 254 -11.23 -19.85 -6.45
N CYS A 255 -12.02 -20.85 -6.84
CA CYS A 255 -11.54 -22.19 -7.11
C CYS A 255 -11.86 -22.54 -8.56
N LEU A 256 -10.89 -23.10 -9.27
CA LEU A 256 -11.08 -23.52 -10.67
C LEU A 256 -10.88 -25.03 -10.73
N ARG A 257 -11.93 -25.75 -11.15
CA ARG A 257 -11.76 -27.18 -11.44
C ARG A 257 -11.23 -27.33 -12.86
N TRP A 258 -10.08 -28.04 -12.97
CA TRP A 258 -9.34 -28.11 -14.23
C TRP A 258 -10.05 -28.96 -15.29
N GLU A 259 -10.69 -30.07 -14.89
CA GLU A 259 -11.22 -30.99 -15.89
C GLU A 259 -12.29 -30.33 -16.77
N ASP A 260 -13.16 -29.50 -16.18
CA ASP A 260 -14.21 -28.83 -16.94
C ASP A 260 -14.06 -27.30 -16.94
N LYS A 261 -12.94 -26.77 -16.43
CA LYS A 261 -12.72 -25.32 -16.34
C LYS A 261 -13.91 -24.63 -15.68
N GLN A 262 -14.45 -25.25 -14.64
CA GLN A 262 -15.61 -24.68 -13.95
C GLN A 262 -15.16 -23.91 -12.73
N TYR A 263 -15.70 -22.70 -12.54
CA TYR A 263 -15.36 -21.84 -11.40
C TYR A 263 -16.35 -21.98 -10.24
N PHE A 264 -15.81 -21.97 -9.01
CA PHE A 264 -16.56 -21.94 -7.78
C PHE A 264 -16.03 -20.80 -6.93
N VAL A 265 -16.91 -20.02 -6.32
CA VAL A 265 -16.49 -18.79 -5.66
C VAL A 265 -17.06 -18.78 -4.25
N GLN A 266 -16.25 -18.30 -3.30
CA GLN A 266 -16.66 -18.17 -1.91
C GLN A 266 -16.52 -16.72 -1.48
N PRO A 267 -17.59 -16.06 -1.08
CA PRO A 267 -17.49 -14.65 -0.67
C PRO A 267 -16.63 -14.51 0.57
N SER A 268 -15.94 -13.39 0.66
CA SER A 268 -15.22 -13.05 1.87
C SER A 268 -16.19 -12.89 3.03
N ASN A 269 -15.84 -13.42 4.21
CA ASN A 269 -16.64 -13.14 5.40
C ASN A 269 -16.41 -11.76 5.98
N ARG A 270 -15.38 -11.07 5.53
CA ARG A 270 -15.05 -9.73 6.00
C ARG A 270 -16.06 -8.68 5.51
N ALA B 2 -14.02 35.49 10.91
CA ALA B 2 -14.14 34.18 11.51
C ALA B 2 -13.09 33.24 10.95
N THR B 3 -12.85 32.15 11.66
CA THR B 3 -11.80 31.18 11.30
C THR B 3 -12.48 29.85 11.01
N TYR B 4 -12.25 29.29 9.83
CA TYR B 4 -12.87 28.04 9.41
C TYR B 4 -11.78 27.01 9.15
N LEU B 5 -12.01 25.78 9.60
CA LEU B 5 -11.08 24.66 9.40
C LEU B 5 -11.81 23.57 8.64
N ILE B 6 -11.26 23.16 7.50
CA ILE B 6 -11.91 22.16 6.68
C ILE B 6 -10.96 21.00 6.43
N GLY B 7 -11.51 19.79 6.46
CA GLY B 7 -10.76 18.57 6.24
C GLY B 7 -10.53 18.27 4.76
N ASP B 8 -10.05 17.07 4.51
CA ASP B 8 -9.45 16.73 3.22
C ASP B 8 -10.47 16.92 2.11
N VAL B 9 -10.14 17.78 1.15
CA VAL B 9 -11.10 18.12 0.10
C VAL B 9 -11.07 17.09 -1.02
N HIS B 10 -9.89 16.59 -1.38
CA HIS B 10 -9.71 15.56 -2.41
C HIS B 10 -10.48 15.86 -3.70
N GLY B 11 -10.27 17.06 -4.24
CA GLY B 11 -10.92 17.43 -5.48
C GLY B 11 -12.42 17.59 -5.42
N CYS B 12 -13.02 17.60 -4.22
CA CYS B 12 -14.48 17.78 -4.12
C CYS B 12 -14.81 19.27 -4.12
N TYR B 13 -14.64 19.87 -5.29
CA TYR B 13 -14.74 21.32 -5.39
C TYR B 13 -16.17 21.80 -5.11
N ASP B 14 -17.17 21.16 -5.74
CA ASP B 14 -18.55 21.61 -5.55
C ASP B 14 -18.94 21.57 -4.08
N GLU B 15 -18.54 20.51 -3.35
CA GLU B 15 -18.88 20.43 -1.94
C GLU B 15 -18.14 21.48 -1.13
N LEU B 16 -16.88 21.77 -1.49
CA LEU B 16 -16.12 22.79 -0.77
C LEU B 16 -16.81 24.15 -0.92
N ILE B 17 -17.21 24.49 -2.16
CA ILE B 17 -17.87 25.78 -2.39
C ILE B 17 -19.23 25.83 -1.69
N ALA B 18 -20.03 24.77 -1.78
CA ALA B 18 -21.31 24.79 -1.09
C ALA B 18 -21.13 24.97 0.42
N LEU B 19 -20.15 24.29 0.99
CA LEU B 19 -19.93 24.40 2.42
C LEU B 19 -19.48 25.80 2.80
N LEU B 20 -18.60 26.40 1.98
CA LEU B 20 -18.13 27.77 2.21
C LEU B 20 -19.26 28.81 2.03
N HIS B 21 -20.16 28.60 1.07
CA HIS B 21 -21.32 29.48 0.95
C HIS B 21 -22.28 29.33 2.12
N LYS B 22 -22.37 28.12 2.66
CA LYS B 22 -23.25 27.89 3.79
C LYS B 22 -22.82 28.72 4.99
N VAL B 23 -21.50 28.88 5.22
CA VAL B 23 -21.02 29.72 6.32
C VAL B 23 -20.76 31.15 5.86
N GLU B 24 -21.03 31.45 4.60
CA GLU B 24 -20.81 32.77 4.03
C GLU B 24 -19.35 33.21 4.17
N PHE B 25 -18.43 32.31 3.79
CA PHE B 25 -17.01 32.60 3.94
C PHE B 25 -16.63 33.80 3.06
N THR B 26 -15.95 34.78 3.64
CA THR B 26 -15.63 36.04 2.99
C THR B 26 -14.13 36.35 3.06
N PRO B 27 -13.37 36.13 1.99
CA PRO B 27 -11.94 36.49 2.00
C PRO B 27 -11.76 37.94 2.44
N GLY B 28 -10.66 38.20 3.15
CA GLY B 28 -10.41 39.50 3.71
C GLY B 28 -10.96 39.72 5.10
N LYS B 29 -12.08 39.06 5.44
CA LYS B 29 -12.65 39.07 6.77
C LYS B 29 -12.49 37.72 7.47
N ASP B 30 -12.55 36.65 6.68
CA ASP B 30 -12.44 35.29 7.26
C ASP B 30 -11.14 34.64 6.82
N THR B 31 -10.70 33.64 7.58
CA THR B 31 -9.49 32.88 7.20
C THR B 31 -9.85 31.41 7.16
N LEU B 32 -9.41 30.72 6.12
CA LEU B 32 -9.70 29.28 5.98
C LEU B 32 -8.44 28.42 6.21
N TRP B 33 -8.54 27.44 7.09
CA TRP B 33 -7.47 26.46 7.29
C TRP B 33 -7.88 25.18 6.59
N LEU B 34 -6.95 24.60 5.84
CA LEU B 34 -7.18 23.34 5.13
C LEU B 34 -6.15 22.31 5.57
N THR B 35 -6.63 21.11 5.90
CA THR B 35 -5.75 20.04 6.38
C THR B 35 -4.96 19.35 5.29
N GLY B 36 -5.08 19.73 4.02
CA GLY B 36 -4.30 19.11 2.98
C GLY B 36 -5.05 17.99 2.28
N ASP B 37 -4.34 17.34 1.36
CA ASP B 37 -4.96 16.40 0.42
C ASP B 37 -6.07 17.13 -0.34
N LEU B 38 -5.68 18.25 -0.94
CA LEU B 38 -6.54 19.07 -1.79
C LEU B 38 -6.96 18.35 -3.06
N VAL B 39 -6.18 17.37 -3.50
CA VAL B 39 -6.25 16.83 -4.85
C VAL B 39 -6.47 15.33 -4.80
N ALA B 40 -6.85 14.76 -5.96
CA ALA B 40 -6.94 13.32 -6.23
C ALA B 40 -8.27 12.74 -5.76
N ARG B 41 -8.74 11.70 -6.48
CA ARG B 41 -9.93 10.93 -6.14
C ARG B 41 -11.22 11.63 -6.59
N GLY B 42 -11.51 12.82 -6.05
CA GLY B 42 -12.61 13.62 -6.53
C GLY B 42 -12.36 14.19 -7.91
N PRO B 43 -13.39 14.77 -8.54
CA PRO B 43 -13.26 15.20 -9.95
C PRO B 43 -12.57 16.55 -10.14
N GLY B 44 -12.49 17.41 -9.10
CA GLY B 44 -12.13 18.79 -9.36
C GLY B 44 -10.83 19.31 -8.77
N SER B 45 -9.77 18.49 -8.80
CA SER B 45 -8.48 18.91 -8.27
C SER B 45 -8.02 20.23 -8.89
N LEU B 46 -8.20 20.37 -10.21
CA LEU B 46 -7.76 21.57 -10.90
C LEU B 46 -8.48 22.81 -10.35
N ASP B 47 -9.80 22.71 -10.18
CA ASP B 47 -10.56 23.84 -9.65
C ASP B 47 -10.18 24.14 -8.21
N VAL B 48 -9.98 23.09 -7.41
CA VAL B 48 -9.61 23.31 -6.01
C VAL B 48 -8.30 24.08 -5.92
N LEU B 49 -7.27 23.65 -6.65
CA LEU B 49 -6.02 24.39 -6.56
C LEU B 49 -6.17 25.82 -7.05
N ARG B 50 -6.85 26.02 -8.19
CA ARG B 50 -7.00 27.39 -8.68
C ARG B 50 -7.64 28.29 -7.60
N TYR B 51 -8.73 27.81 -6.99
CA TYR B 51 -9.43 28.62 -6.00
C TYR B 51 -8.58 28.86 -4.76
N VAL B 52 -8.01 27.78 -4.22
CA VAL B 52 -7.25 27.92 -2.96
C VAL B 52 -6.07 28.85 -3.17
N LYS B 53 -5.36 28.69 -4.28
CA LYS B 53 -4.28 29.63 -4.59
C LYS B 53 -4.79 31.05 -4.65
N SER B 54 -5.93 31.27 -5.30
CA SER B 54 -6.44 32.63 -5.44
C SER B 54 -6.76 33.25 -4.09
N LEU B 55 -6.94 32.43 -3.05
CA LEU B 55 -7.25 33.04 -1.74
C LEU B 55 -6.07 33.76 -1.07
N GLY B 56 -4.84 33.57 -1.53
CA GLY B 56 -3.72 34.30 -0.91
C GLY B 56 -3.65 34.09 0.60
N ASP B 57 -3.50 35.19 1.33
CA ASP B 57 -3.37 35.14 2.80
C ASP B 57 -4.65 34.74 3.51
N SER B 58 -5.77 34.63 2.81
CA SER B 58 -6.98 34.21 3.50
C SER B 58 -7.07 32.70 3.67
N VAL B 59 -6.01 31.95 3.33
CA VAL B 59 -5.99 30.51 3.53
C VAL B 59 -4.65 30.10 4.16
N ARG B 60 -4.73 29.15 5.08
CA ARG B 60 -3.58 28.51 5.72
C ARG B 60 -3.68 27.01 5.44
N LEU B 61 -2.81 26.55 4.58
CA LEU B 61 -2.81 25.20 4.05
C LEU B 61 -1.67 24.42 4.71
N VAL B 62 -1.84 23.11 4.91
CA VAL B 62 -0.71 22.21 5.12
C VAL B 62 -0.76 21.12 4.06
N LEU B 63 0.41 20.70 3.58
CA LEU B 63 0.48 19.67 2.55
C LEU B 63 0.24 18.29 3.13
N GLY B 64 -0.48 17.45 2.37
CA GLY B 64 -0.72 16.06 2.71
C GLY B 64 -0.03 15.08 1.76
N ASN B 65 -0.27 13.78 1.99
CA ASN B 65 0.46 12.75 1.24
C ASN B 65 0.04 12.73 -0.23
N HIS B 66 -1.22 13.05 -0.53
CA HIS B 66 -1.67 13.07 -1.92
C HIS B 66 -1.20 14.34 -2.65
N ASP B 67 -1.06 15.46 -1.93
CA ASP B 67 -0.42 16.63 -2.52
C ASP B 67 1.03 16.32 -2.92
N LEU B 68 1.76 15.68 -2.02
CA LEU B 68 3.16 15.33 -2.32
C LEU B 68 3.23 14.33 -3.48
N HIS B 69 2.30 13.37 -3.53
CA HIS B 69 2.27 12.45 -4.65
C HIS B 69 2.02 13.17 -5.98
N LEU B 70 1.06 14.11 -5.99
CA LEU B 70 0.84 14.92 -7.20
C LEU B 70 2.12 15.63 -7.62
N LEU B 71 2.85 16.20 -6.65
CA LEU B 71 4.09 16.90 -6.99
C LEU B 71 5.11 15.93 -7.58
N ALA B 72 5.17 14.70 -7.04
CA ALA B 72 6.10 13.69 -7.57
C ALA B 72 5.76 13.32 -9.01
N VAL B 73 4.47 13.20 -9.33
CA VAL B 73 4.05 12.92 -10.70
C VAL B 73 4.43 14.08 -11.62
N PHE B 74 4.15 15.29 -11.17
CA PHE B 74 4.47 16.48 -11.96
C PHE B 74 5.96 16.52 -12.30
N ALA B 75 6.82 16.14 -11.36
CA ALA B 75 8.26 16.20 -11.58
C ALA B 75 8.83 14.97 -12.28
N GLY B 76 7.99 14.02 -12.69
CA GLY B 76 8.49 12.83 -13.37
C GLY B 76 9.08 11.78 -12.46
N ILE B 77 8.88 11.92 -11.15
CA ILE B 77 9.39 10.97 -10.17
C ILE B 77 8.46 9.77 -10.03
N SER B 78 7.16 9.98 -10.16
CA SER B 78 6.15 8.94 -9.97
C SER B 78 5.27 8.94 -11.20
N ARG B 79 4.66 7.79 -11.49
CA ARG B 79 3.85 7.69 -12.69
C ARG B 79 2.39 8.02 -12.39
N ASN B 80 1.77 8.71 -13.32
CA ASN B 80 0.37 9.11 -13.15
C ASN B 80 -0.55 7.90 -13.27
N LYS B 81 -1.41 7.71 -12.29
CA LYS B 81 -2.47 6.73 -12.36
C LYS B 81 -3.74 7.43 -12.81
N PRO B 82 -4.39 7.01 -13.90
CA PRO B 82 -5.61 7.71 -14.36
C PRO B 82 -6.71 7.81 -13.31
N LYS B 83 -6.91 6.76 -12.52
CA LYS B 83 -8.00 6.77 -11.57
C LYS B 83 -7.84 7.85 -10.50
N ASP B 84 -6.66 8.43 -10.36
CA ASP B 84 -6.45 9.50 -9.39
C ASP B 84 -7.13 10.78 -9.84
N ARG B 85 -7.45 10.88 -11.14
CA ARG B 85 -8.10 12.04 -11.74
CA ARG B 85 -8.11 12.03 -11.73
C ARG B 85 -7.27 13.29 -11.64
N LEU B 86 -5.96 13.15 -11.73
CA LEU B 86 -5.09 14.31 -11.77
C LEU B 86 -4.75 14.77 -13.18
N THR B 87 -5.18 14.04 -14.20
CA THR B 87 -4.71 14.39 -15.55
C THR B 87 -5.13 15.80 -15.97
N PRO B 88 -6.37 16.23 -15.76
CA PRO B 88 -6.72 17.60 -16.17
C PRO B 88 -5.83 18.63 -15.54
N LEU B 89 -5.51 18.46 -14.24
CA LEU B 89 -4.60 19.38 -13.57
C LEU B 89 -3.20 19.32 -14.16
N LEU B 90 -2.66 18.11 -14.33
CA LEU B 90 -1.32 18.01 -14.91
C LEU B 90 -1.25 18.60 -16.31
N GLU B 91 -2.33 18.50 -17.08
CA GLU B 91 -2.32 18.96 -18.45
C GLU B 91 -2.78 20.41 -18.60
N ALA B 92 -3.12 21.09 -17.50
CA ALA B 92 -3.63 22.43 -17.61
C ALA B 92 -2.52 23.40 -18.04
N PRO B 93 -2.87 24.44 -18.81
CA PRO B 93 -1.87 25.43 -19.18
C PRO B 93 -1.26 26.17 -18.00
N ASP B 94 -1.94 26.24 -16.86
CA ASP B 94 -1.35 26.86 -15.68
C ASP B 94 -0.82 25.84 -14.67
N ALA B 95 -0.54 24.61 -15.10
CA ALA B 95 -0.05 23.59 -14.19
C ALA B 95 1.24 24.03 -13.49
N ASP B 96 2.19 24.58 -14.25
CA ASP B 96 3.47 24.99 -13.66
C ASP B 96 3.25 26.02 -12.56
N GLU B 97 2.47 27.06 -12.84
CA GLU B 97 2.21 28.07 -11.83
C GLU B 97 1.53 27.46 -10.59
N LEU B 98 0.54 26.58 -10.81
CA LEU B 98 -0.18 26.01 -9.67
C LEU B 98 0.72 25.11 -8.82
N LEU B 99 1.51 24.24 -9.45
CA LEU B 99 2.29 23.28 -8.68
C LEU B 99 3.52 23.93 -8.06
N ASN B 100 4.14 24.91 -8.73
CA ASN B 100 5.19 25.67 -8.06
C ASN B 100 4.66 26.44 -6.86
N TRP B 101 3.38 26.86 -6.90
CA TRP B 101 2.81 27.43 -5.67
C TRP B 101 2.61 26.35 -4.61
N LEU B 102 2.04 25.21 -5.01
CA LEU B 102 1.71 24.17 -4.02
C LEU B 102 2.96 23.71 -3.27
N ARG B 103 4.06 23.50 -3.97
CA ARG B 103 5.25 22.96 -3.29
C ARG B 103 5.88 23.96 -2.32
N ARG B 104 5.46 25.22 -2.35
N ARG B 104 5.45 25.21 -2.34
CA ARG B 104 5.97 26.22 -1.42
CA ARG B 104 5.99 26.20 -1.41
C ARG B 104 5.14 26.32 -0.15
C ARG B 104 5.13 26.34 -0.16
N GLN B 105 4.07 25.53 -0.03
CA GLN B 105 3.16 25.66 1.10
C GLN B 105 3.70 24.88 2.30
N PRO B 106 3.27 25.24 3.50
CA PRO B 106 3.85 24.64 4.72
C PRO B 106 3.40 23.21 4.94
N LEU B 107 4.14 22.50 5.81
CA LEU B 107 3.73 21.22 6.37
C LEU B 107 3.03 21.37 7.71
N LEU B 108 3.15 22.54 8.32
CA LEU B 108 2.74 22.78 9.69
C LEU B 108 2.27 24.23 9.79
N GLN B 109 1.12 24.45 10.44
CA GLN B 109 0.60 25.79 10.68
C GLN B 109 0.43 25.97 12.19
N ILE B 110 0.91 27.09 12.73
CA ILE B 110 0.83 27.39 14.17
C ILE B 110 0.27 28.80 14.33
N ASP B 111 -0.75 28.94 15.19
CA ASP B 111 -1.33 30.22 15.55
C ASP B 111 -1.30 30.32 17.07
N GLU B 112 -0.40 31.18 17.58
CA GLU B 112 -0.21 31.29 19.02
C GLU B 112 -1.40 31.95 19.70
N GLU B 113 -2.05 32.91 19.03
CA GLU B 113 -3.18 33.60 19.65
C GLU B 113 -4.38 32.66 19.80
N LYS B 114 -4.48 31.65 18.94
CA LYS B 114 -5.52 30.65 19.07
C LYS B 114 -5.06 29.43 19.84
N LYS B 115 -3.76 29.35 20.18
CA LYS B 115 -3.16 28.12 20.70
C LYS B 115 -3.58 26.93 19.84
N LEU B 116 -3.35 27.06 18.53
CA LEU B 116 -3.81 26.13 17.50
C LEU B 116 -2.65 25.69 16.62
N VAL B 117 -2.55 24.38 16.42
CA VAL B 117 -1.57 23.74 15.56
C VAL B 117 -2.30 22.85 14.56
N MET B 118 -1.90 22.91 13.28
CA MET B 118 -2.47 22.06 12.25
C MET B 118 -1.33 21.37 11.49
N ALA B 119 -1.50 20.08 11.25
CA ALA B 119 -0.67 19.35 10.29
C ALA B 119 -1.57 18.30 9.66
N HIS B 120 -1.14 17.73 8.52
CA HIS B 120 -2.05 16.85 7.78
C HIS B 120 -2.43 15.62 8.60
N ALA B 121 -1.45 14.94 9.19
CA ALA B 121 -1.72 13.71 9.91
C ALA B 121 -1.74 13.91 11.42
N GLY B 122 -1.24 15.04 11.92
CA GLY B 122 -1.18 15.27 13.36
C GLY B 122 0.24 15.52 13.84
N ILE B 123 0.49 15.42 15.14
CA ILE B 123 1.81 15.65 15.71
C ILE B 123 2.22 14.39 16.44
N THR B 124 3.30 13.73 15.98
CA THR B 124 3.72 12.52 16.67
C THR B 124 4.02 12.87 18.11
N PRO B 125 3.62 12.03 19.07
CA PRO B 125 3.98 12.31 20.46
C PRO B 125 5.48 12.34 20.72
N GLN B 126 6.30 11.87 19.79
CA GLN B 126 7.75 11.93 20.02
C GLN B 126 8.36 13.30 19.77
N TRP B 127 7.57 14.29 19.30
CA TRP B 127 8.04 15.64 19.00
C TRP B 127 7.49 16.63 20.01
N ASP B 128 8.34 17.55 20.45
CA ASP B 128 7.85 18.76 21.09
C ASP B 128 7.66 19.81 20.00
N LEU B 129 7.16 20.99 20.39
CA LEU B 129 6.76 21.97 19.38
C LEU B 129 7.96 22.46 18.60
N GLN B 130 9.06 22.77 19.29
CA GLN B 130 10.24 23.28 18.59
C GLN B 130 10.79 22.27 17.59
N THR B 131 10.77 20.98 17.95
CA THR B 131 11.23 19.95 17.00
C THR B 131 10.29 19.89 15.79
N ALA B 132 8.98 19.95 16.02
CA ALA B 132 8.06 19.94 14.90
C ALA B 132 8.32 21.11 13.97
N LYS B 133 8.54 22.31 14.53
CA LYS B 133 8.80 23.50 13.71
C LYS B 133 10.09 23.34 12.91
N GLU B 134 11.16 22.91 13.57
CA GLU B 134 12.43 22.70 12.87
C GLU B 134 12.31 21.67 11.75
N CYS B 135 11.62 20.55 12.00
CA CYS B 135 11.46 19.52 10.97
C CYS B 135 10.63 20.01 9.79
N ALA B 136 9.53 20.73 10.08
CA ALA B 136 8.75 21.32 9.00
C ALA B 136 9.61 22.24 8.17
N ARG B 137 10.42 23.10 8.83
CA ARG B 137 11.22 24.06 8.08
CA ARG B 137 11.21 24.06 8.08
C ARG B 137 12.22 23.35 7.17
N ASP B 138 12.82 22.26 7.66
CA ASP B 138 13.78 21.52 6.83
C ASP B 138 13.11 20.95 5.57
N VAL B 139 11.98 20.26 5.75
CA VAL B 139 11.37 19.65 4.57
C VAL B 139 10.81 20.74 3.64
N GLU B 140 10.24 21.82 4.20
CA GLU B 140 9.73 22.90 3.37
C GLU B 140 10.85 23.53 2.56
N ALA B 141 12.05 23.63 3.13
CA ALA B 141 13.19 24.14 2.38
C ALA B 141 13.52 23.25 1.18
N VAL B 142 13.53 21.92 1.37
CA VAL B 142 13.85 21.10 0.19
C VAL B 142 12.72 21.19 -0.85
N LEU B 143 11.46 21.21 -0.39
CA LEU B 143 10.36 21.27 -1.36
C LEU B 143 10.31 22.59 -2.13
N SER B 144 10.73 23.69 -1.52
CA SER B 144 10.73 25.00 -2.18
CA SER B 144 10.71 24.97 -2.23
C SER B 144 11.96 25.21 -3.06
N SER B 145 12.94 24.32 -3.01
CA SER B 145 14.22 24.46 -3.70
C SER B 145 14.14 23.95 -5.14
N ASP B 146 15.14 24.35 -5.94
CA ASP B 146 15.21 23.84 -7.31
C ASP B 146 15.45 22.34 -7.35
N SER B 147 15.90 21.73 -6.25
CA SER B 147 16.22 20.32 -6.24
C SER B 147 15.09 19.46 -5.68
N TYR B 148 13.87 19.98 -5.69
CA TYR B 148 12.76 19.25 -5.08
C TYR B 148 12.45 17.90 -5.72
N PRO B 149 12.67 17.64 -7.01
CA PRO B 149 12.41 16.27 -7.52
C PRO B 149 13.28 15.22 -6.86
N PHE B 150 14.56 15.52 -6.70
CA PHE B 150 15.46 14.63 -5.99
CA PHE B 150 15.46 14.62 -5.99
C PHE B 150 14.90 14.30 -4.61
N PHE B 151 14.39 15.30 -3.91
CA PHE B 151 13.88 15.05 -2.56
CA PHE B 151 13.91 15.03 -2.57
C PHE B 151 12.59 14.26 -2.59
N LEU B 152 11.70 14.55 -3.55
CA LEU B 152 10.47 13.77 -3.66
C LEU B 152 10.79 12.32 -3.88
N ASP B 153 11.80 12.05 -4.72
CA ASP B 153 12.20 10.67 -4.95
C ASP B 153 12.75 10.04 -3.68
N ALA B 154 13.53 10.80 -2.91
CA ALA B 154 14.11 10.28 -1.69
C ALA B 154 13.08 10.07 -0.57
N MET B 155 11.97 10.82 -0.59
CA MET B 155 10.99 10.79 0.50
CA MET B 155 11.03 10.78 0.52
C MET B 155 10.30 9.43 0.62
N TYR B 156 10.30 8.62 -0.44
CA TYR B 156 9.60 7.34 -0.40
C TYR B 156 10.29 6.34 0.53
N GLY B 157 9.52 5.67 1.36
CA GLY B 157 10.08 4.71 2.30
C GLY B 157 9.32 4.69 3.62
N ASP B 158 9.46 3.58 4.35
CA ASP B 158 8.72 3.34 5.59
C ASP B 158 9.59 3.37 6.85
N MET B 159 10.91 3.50 6.71
CA MET B 159 11.89 3.54 7.79
C MET B 159 12.78 4.75 7.62
N PRO B 160 13.34 5.26 8.71
CA PRO B 160 13.12 4.82 10.09
C PRO B 160 11.75 5.22 10.61
N ASN B 161 11.27 4.55 11.65
CA ASN B 161 9.98 4.83 12.25
C ASN B 161 10.07 5.32 13.69
N ASN B 162 11.26 5.70 14.14
CA ASN B 162 11.46 6.18 15.49
C ASN B 162 12.28 7.47 15.46
N TRP B 163 11.78 8.52 16.11
CA TRP B 163 12.49 9.79 16.07
C TRP B 163 13.71 9.80 16.98
N SER B 164 14.77 10.42 16.50
CA SER B 164 15.94 10.76 17.29
C SER B 164 16.53 12.06 16.76
N PRO B 165 16.94 12.98 17.64
CA PRO B 165 17.69 14.15 17.16
C PRO B 165 18.97 13.77 16.44
N GLU B 166 19.40 12.51 16.56
CA GLU B 166 20.59 12.02 15.89
C GLU B 166 20.34 11.61 14.43
N LEU B 167 19.09 11.47 14.02
CA LEU B 167 18.83 11.09 12.63
C LEU B 167 19.49 12.08 11.68
N ARG B 168 20.02 11.56 10.58
CA ARG B 168 20.66 12.35 9.54
C ARG B 168 20.17 11.90 8.17
N GLY B 169 20.32 12.78 7.19
CA GLY B 169 20.20 12.36 5.79
C GLY B 169 18.82 11.82 5.43
N LEU B 170 18.83 10.80 4.56
CA LEU B 170 17.59 10.26 4.02
C LEU B 170 16.63 9.80 5.12
N GLY B 171 17.16 9.11 6.13
CA GLY B 171 16.29 8.63 7.20
C GLY B 171 15.60 9.76 7.92
N ARG B 172 16.33 10.85 8.22
CA ARG B 172 15.71 12.00 8.87
C ARG B 172 14.55 12.54 8.02
N LEU B 173 14.83 12.74 6.74
CA LEU B 173 13.82 13.33 5.87
C LEU B 173 12.59 12.41 5.74
N ARG B 174 12.82 11.10 5.61
CA ARG B 174 11.72 10.16 5.47
C ARG B 174 10.87 10.13 6.73
N PHE B 175 11.51 10.12 7.91
CA PHE B 175 10.73 10.10 9.12
C PHE B 175 9.86 11.35 9.22
N ILE B 176 10.45 12.52 8.96
CA ILE B 176 9.69 13.77 9.02
C ILE B 176 8.47 13.71 8.09
N THR B 177 8.69 13.29 6.83
CA THR B 177 7.59 13.23 5.88
C THR B 177 6.50 12.27 6.33
N ASN B 178 6.90 11.09 6.83
CA ASN B 178 5.93 10.11 7.29
C ASN B 178 5.16 10.63 8.49
N ALA B 179 5.84 11.32 9.40
CA ALA B 179 5.16 11.82 10.59
C ALA B 179 4.12 12.88 10.23
N PHE B 180 4.47 13.83 9.34
CA PHE B 180 3.52 14.90 9.05
C PHE B 180 2.39 14.44 8.16
N THR B 181 2.66 13.52 7.20
CA THR B 181 1.66 13.26 6.17
C THR B 181 1.09 11.85 6.10
N ARG B 182 1.61 10.88 6.84
CA ARG B 182 1.09 9.52 6.73
C ARG B 182 0.69 8.89 8.07
N MET B 183 1.03 9.48 9.20
CA MET B 183 0.89 8.78 10.47
C MET B 183 -0.58 8.53 10.82
N ARG B 184 -0.86 7.34 11.34
CA ARG B 184 -2.11 7.06 12.06
C ARG B 184 -1.79 6.41 13.39
N PHE B 185 -1.33 5.16 13.37
CA PHE B 185 -1.10 4.37 14.56
C PHE B 185 0.34 4.45 15.05
N CYS B 186 0.50 4.30 16.37
CA CYS B 186 1.79 4.24 17.04
C CYS B 186 1.88 2.97 17.86
N PHE B 187 3.10 2.48 18.03
CA PHE B 187 3.35 1.49 19.07
C PHE B 187 3.38 2.20 20.42
N PRO B 188 3.29 1.45 21.53
CA PRO B 188 3.21 2.11 22.85
C PRO B 188 4.37 3.06 23.09
N ASN B 189 5.55 2.79 22.55
CA ASN B 189 6.69 3.69 22.74
C ASN B 189 6.66 4.90 21.82
N GLY B 190 5.65 5.05 20.98
CA GLY B 190 5.55 6.18 20.09
C GLY B 190 6.02 5.93 18.67
N GLN B 191 6.65 4.80 18.40
CA GLN B 191 7.13 4.53 17.03
C GLN B 191 5.97 4.45 16.05
N LEU B 192 6.20 4.93 14.84
CA LEU B 192 5.16 4.98 13.81
C LEU B 192 4.94 3.61 13.19
N ASP B 193 3.68 3.28 13.00
CA ASP B 193 3.29 2.16 12.15
C ASP B 193 2.79 2.71 10.82
N MET B 194 3.40 2.27 9.73
CA MET B 194 3.14 2.79 8.40
CA MET B 194 3.11 2.79 8.40
C MET B 194 2.20 1.89 7.58
N TYR B 195 1.48 0.97 8.23
CA TYR B 195 0.71 0.00 7.44
C TYR B 195 -0.78 -0.06 7.77
N SER B 196 -1.16 0.02 9.03
CA SER B 196 -2.58 -0.10 9.37
C SER B 196 -3.32 1.21 9.11
N LYS B 197 -4.44 1.15 8.40
CA LYS B 197 -5.23 2.34 8.09
C LYS B 197 -6.67 2.25 8.57
N GLU B 198 -7.00 1.27 9.40
CA GLU B 198 -8.38 1.06 9.81
C GLU B 198 -8.67 1.89 11.06
N SER B 199 -9.92 1.85 11.51
CA SER B 199 -10.34 2.59 12.70
C SER B 199 -9.68 2.02 13.95
N PRO B 200 -9.54 2.85 15.00
CA PRO B 200 -8.87 2.38 16.24
C PRO B 200 -9.38 1.05 16.78
N GLU B 201 -10.70 0.88 16.81
CA GLU B 201 -11.28 -0.33 17.38
C GLU B 201 -11.00 -1.58 16.56
N GLU B 202 -10.72 -1.44 15.26
CA GLU B 202 -10.43 -2.57 14.40
C GLU B 202 -8.92 -2.80 14.21
N ALA B 203 -8.07 -2.04 14.91
CA ALA B 203 -6.65 -2.19 14.58
C ALA B 203 -6.05 -3.36 15.34
N PRO B 204 -4.98 -3.96 14.81
CA PRO B 204 -4.32 -5.04 15.53
C PRO B 204 -3.48 -4.52 16.68
N ALA B 205 -3.41 -5.32 17.75
CA ALA B 205 -2.57 -4.98 18.87
C ALA B 205 -1.10 -5.02 18.45
N PRO B 206 -0.25 -4.24 19.10
CA PRO B 206 -0.53 -3.30 20.20
C PRO B 206 -0.78 -1.86 19.72
N LEU B 207 -1.29 -1.66 18.51
CA LEU B 207 -1.34 -0.31 17.93
C LEU B 207 -2.39 0.57 18.62
N LYS B 208 -2.03 1.83 18.84
CA LYS B 208 -2.97 2.83 19.33
C LYS B 208 -2.85 4.10 18.51
N PRO B 209 -3.92 4.89 18.42
CA PRO B 209 -3.83 6.19 17.73
C PRO B 209 -2.70 7.06 18.29
N TRP B 210 -2.05 7.82 17.40
CA TRP B 210 -1.01 8.74 17.85
C TRP B 210 -1.52 9.67 18.93
N PHE B 211 -2.78 10.10 18.84
CA PHE B 211 -3.31 11.07 19.79
C PHE B 211 -3.67 10.43 21.13
N ALA B 212 -3.65 9.09 21.23
CA ALA B 212 -3.90 8.39 22.49
C ALA B 212 -2.63 8.26 23.33
N ILE B 213 -1.49 8.69 22.80
CA ILE B 213 -0.23 8.75 23.54
C ILE B 213 0.00 10.20 23.93
N PRO B 214 -0.01 10.54 25.21
CA PRO B 214 0.16 11.94 25.59
C PRO B 214 1.50 12.47 25.09
N GLY B 215 1.46 13.62 24.43
CA GLY B 215 2.67 14.25 23.95
C GLY B 215 2.70 15.71 24.36
N PRO B 216 3.89 16.33 24.35
CA PRO B 216 3.99 17.70 24.85
C PRO B 216 3.24 18.76 24.03
N VAL B 217 3.15 18.64 22.70
CA VAL B 217 2.44 19.68 21.96
C VAL B 217 0.98 19.76 22.42
N ALA B 218 0.32 18.61 22.56
CA ALA B 218 -1.07 18.57 22.99
C ALA B 218 -1.28 19.13 24.40
N GLU B 219 -0.21 19.33 25.17
CA GLU B 219 -0.39 19.88 26.51
C GLU B 219 -0.65 21.37 26.47
N GLU B 220 -0.09 22.06 25.49
CA GLU B 220 -0.24 23.50 25.36
C GLU B 220 -1.17 23.91 24.23
N TYR B 221 -1.37 23.07 23.21
CA TYR B 221 -2.05 23.50 22.00
C TYR B 221 -3.15 22.53 21.59
N SER B 222 -4.21 23.08 21.02
CA SER B 222 -5.15 22.27 20.27
C SER B 222 -4.48 21.80 18.98
N ILE B 223 -4.89 20.62 18.50
CA ILE B 223 -4.35 20.08 17.26
C ILE B 223 -5.50 19.72 16.33
N ALA B 224 -5.45 20.24 15.11
CA ALA B 224 -6.39 19.89 14.07
C ALA B 224 -5.66 19.13 12.96
N PHE B 225 -6.32 18.13 12.40
CA PHE B 225 -5.66 17.34 11.35
C PHE B 225 -6.75 16.68 10.50
N GLY B 226 -6.33 16.14 9.36
CA GLY B 226 -7.25 15.38 8.52
C GLY B 226 -6.77 13.95 8.29
N HIS B 227 -6.60 13.55 7.02
CA HIS B 227 -5.86 12.35 6.61
C HIS B 227 -6.56 11.03 6.90
N TRP B 228 -7.03 10.83 8.12
CA TRP B 228 -7.41 9.51 8.60
C TRP B 228 -8.92 9.31 8.46
N ALA B 229 -9.34 8.94 7.26
CA ALA B 229 -10.78 8.88 6.97
C ALA B 229 -11.48 7.79 7.78
N SER B 230 -10.82 6.65 8.03
CA SER B 230 -11.50 5.56 8.75
C SER B 230 -11.79 5.94 10.18
N LEU B 231 -11.14 7.00 10.69
CA LEU B 231 -11.52 7.57 11.99
C LEU B 231 -12.89 8.20 11.94
N GLU B 232 -13.30 8.70 10.77
CA GLU B 232 -14.58 9.39 10.60
C GLU B 232 -14.75 10.59 11.52
N GLY B 233 -13.64 11.27 11.86
CA GLY B 233 -13.71 12.46 12.69
C GLY B 233 -14.16 12.22 14.12
N LYS B 234 -14.11 10.98 14.58
CA LYS B 234 -14.70 10.54 15.83
C LYS B 234 -13.64 9.97 16.76
N GLY B 235 -13.95 9.96 18.06
CA GLY B 235 -13.20 9.22 19.04
C GLY B 235 -11.90 9.84 19.52
N THR B 236 -11.75 11.14 19.40
CA THR B 236 -10.56 11.88 19.77
C THR B 236 -10.72 12.49 21.15
N PRO B 237 -9.63 12.74 21.88
CA PRO B 237 -9.73 13.44 23.16
C PRO B 237 -10.01 14.92 22.95
N GLU B 238 -10.32 15.59 24.06
CA GLU B 238 -10.52 17.03 24.01
C GLU B 238 -9.26 17.72 23.50
N GLY B 239 -9.45 18.75 22.69
CA GLY B 239 -8.35 19.47 22.12
C GLY B 239 -7.77 18.86 20.87
N ILE B 240 -8.32 17.74 20.41
CA ILE B 240 -7.85 17.06 19.21
C ILE B 240 -9.03 16.99 18.26
N TYR B 241 -8.86 17.56 17.06
CA TYR B 241 -9.94 17.73 16.10
C TYR B 241 -9.57 17.00 14.82
N ALA B 242 -10.26 15.89 14.57
CA ALA B 242 -10.06 15.09 13.37
C ALA B 242 -11.09 15.51 12.32
N LEU B 243 -10.65 16.24 11.31
CA LEU B 243 -11.61 16.89 10.41
C LEU B 243 -11.90 16.10 9.14
N ASP B 244 -11.24 14.97 8.90
CA ASP B 244 -11.44 14.23 7.65
C ASP B 244 -12.61 13.26 7.82
N THR B 245 -13.76 13.61 7.25
CA THR B 245 -14.96 12.77 7.31
C THR B 245 -15.26 12.14 5.94
N GLY B 246 -14.25 12.04 5.09
CA GLY B 246 -14.35 11.18 3.93
C GLY B 246 -15.22 11.65 2.78
N CYS B 247 -15.20 12.95 2.48
CA CYS B 247 -16.06 13.45 1.41
C CYS B 247 -15.90 12.66 0.12
N CYS B 248 -14.67 12.53 -0.36
CA CYS B 248 -14.43 11.88 -1.65
C CYS B 248 -14.87 10.42 -1.64
N TRP B 249 -15.04 9.83 -0.46
CA TRP B 249 -15.44 8.44 -0.34
C TRP B 249 -16.94 8.29 -0.24
N GLY B 250 -17.70 9.35 -0.44
CA GLY B 250 -19.13 9.31 -0.20
C GLY B 250 -19.53 9.60 1.22
N GLY B 251 -18.64 10.16 2.03
CA GLY B 251 -18.99 10.61 3.36
C GLY B 251 -19.42 12.07 3.33
N THR B 252 -18.73 12.91 4.11
CA THR B 252 -19.10 14.32 4.18
C THR B 252 -17.84 15.17 4.22
N LEU B 253 -18.00 16.44 3.81
CA LEU B 253 -17.00 17.47 4.05
C LEU B 253 -17.36 18.21 5.33
N THR B 254 -16.42 18.32 6.26
CA THR B 254 -16.66 18.95 7.55
C THR B 254 -15.91 20.27 7.67
N CYS B 255 -16.62 21.28 8.19
CA CYS B 255 -16.07 22.58 8.51
C CYS B 255 -16.26 22.85 9.99
N LEU B 256 -15.23 23.35 10.65
CA LEU B 256 -15.31 23.74 12.05
C LEU B 256 -15.00 25.23 12.16
N ARG B 257 -15.91 25.99 12.75
CA ARG B 257 -15.69 27.39 13.06
C ARG B 257 -15.06 27.51 14.43
N TRP B 258 -13.88 28.12 14.47
CA TRP B 258 -13.05 28.07 15.66
C TRP B 258 -13.61 28.93 16.80
N GLU B 259 -14.20 30.10 16.47
CA GLU B 259 -14.61 31.04 17.51
C GLU B 259 -15.62 30.41 18.47
N ASP B 260 -16.57 29.65 17.94
CA ASP B 260 -17.58 29.01 18.77
C ASP B 260 -17.56 27.49 18.69
N LYS B 261 -16.54 26.92 18.06
CA LYS B 261 -16.42 25.47 17.88
C LYS B 261 -17.69 24.90 17.27
N GLN B 262 -18.23 25.60 16.28
CA GLN B 262 -19.47 25.14 15.65
C GLN B 262 -19.13 24.34 14.39
N TYR B 263 -19.75 23.18 14.22
CA TYR B 263 -19.52 22.32 13.05
C TYR B 263 -20.58 22.53 11.98
N PHE B 264 -20.15 22.50 10.71
CA PHE B 264 -21.00 22.54 9.52
C PHE B 264 -20.61 21.40 8.59
N VAL B 265 -21.59 20.71 8.01
CA VAL B 265 -21.32 19.52 7.21
C VAL B 265 -21.97 19.64 5.84
N GLN B 266 -21.28 19.15 4.82
CA GLN B 266 -21.77 19.12 3.44
C GLN B 266 -21.75 17.69 2.95
N PRO B 267 -22.90 17.11 2.57
CA PRO B 267 -22.90 15.72 2.09
C PRO B 267 -22.10 15.61 0.80
N SER B 268 -21.49 14.45 0.59
CA SER B 268 -20.76 14.22 -0.66
C SER B 268 -21.74 14.17 -1.84
N ASN B 269 -21.34 14.75 -2.97
CA ASN B 269 -22.16 14.61 -4.17
C ASN B 269 -22.07 13.25 -4.82
N ARG B 270 -21.07 12.46 -4.44
CA ARG B 270 -20.83 11.16 -5.03
C ARG B 270 -21.92 10.16 -4.64
#